data_5GLX
#
_entry.id   5GLX
#
_cell.length_a   36.283
_cell.length_b   58.868
_cell.length_c   38.380
_cell.angle_alpha   90.000
_cell.angle_beta   115.010
_cell.angle_gamma   90.000
#
_symmetry.space_group_name_H-M   'P 1 21 1'
#
loop_
_entity.id
_entity.type
_entity.pdbx_description
1 polymer 'Glycoside hydrolase family 45 protein'
2 water water
#
_entity_poly.entity_id   1
_entity_poly.type   'polypeptide(L)'
_entity_poly.pdbx_seq_one_letter_code
;AEFASGSGQSTRYWDCCKPSCAWPGKAAVSQPVYACDANFQRLSDFNVQSGCNGGSAYSCADQTPWAVNDNLAYGFAATS
IAGGSESSWCCACYALTFTSGPVAGKTMVVQSTSTGGDLGSNQFDIAMPGGGVGIFNGCSSQFGGLPGAQYGGISSRDQC
DSFPAPLKPGCQWRFDWFQNADNPTFTFQQVQCPAEIVARSGCKRNDDSSFPVFTPS
;
_entity_poly.pdbx_strand_id   A
#
# COMPACT_ATOMS: atom_id res chain seq x y z
N ALA A 1 10.52 -18.66 -10.14
CA ALA A 1 9.13 -18.91 -10.67
C ALA A 1 8.43 -17.61 -11.12
N GLU A 2 7.58 -17.68 -12.14
CA GLU A 2 6.96 -16.46 -12.68
C GLU A 2 5.82 -16.00 -11.73
N PHE A 3 5.29 -16.96 -10.96
CA PHE A 3 4.14 -16.70 -10.07
C PHE A 3 4.58 -16.68 -8.62
N ALA A 4 4.29 -15.61 -7.91
CA ALA A 4 4.54 -15.55 -6.47
C ALA A 4 3.40 -16.23 -5.72
N SER A 5 3.73 -16.97 -4.66
CA SER A 5 2.72 -17.74 -3.94
C SER A 5 3.32 -18.11 -2.60
N GLY A 6 2.46 -18.29 -1.60
CA GLY A 6 2.86 -18.94 -0.36
C GLY A 6 2.18 -18.35 0.83
N SER A 7 2.90 -18.31 1.94
CA SER A 7 2.39 -17.81 3.21
C SER A 7 3.21 -16.60 3.59
N GLY A 8 2.62 -15.69 4.34
CA GLY A 8 3.33 -14.49 4.79
C GLY A 8 2.66 -13.85 5.98
N GLN A 9 3.01 -12.60 6.15
CA GLN A 9 2.52 -11.83 7.27
C GLN A 9 2.43 -10.37 6.83
N SER A 10 1.43 -9.67 7.35
CA SER A 10 1.22 -8.27 7.04
C SER A 10 1.57 -7.40 8.21
N THR A 11 2.04 -6.21 7.91
CA THR A 11 2.10 -5.13 8.86
C THR A 11 1.34 -3.93 8.30
N ARG A 12 1.45 -2.77 8.96
CA ARG A 12 0.74 -1.58 8.51
C ARG A 12 1.65 -0.37 8.56
N TYR A 13 1.43 0.60 7.68
CA TYR A 13 2.25 1.82 7.69
C TYR A 13 1.59 2.92 6.92
N TRP A 14 2.02 4.14 7.22
CA TRP A 14 1.83 5.26 6.31
C TRP A 14 2.90 6.28 6.68
N ASP A 15 3.91 6.42 5.81
CA ASP A 15 5.03 7.30 6.08
C ASP A 15 5.10 8.52 5.20
N CYS A 16 4.12 8.65 4.31
CA CYS A 16 4.01 9.75 3.35
C CYS A 16 5.06 9.82 2.25
N CYS A 17 6.06 8.95 2.28
CA CYS A 17 7.09 9.01 1.29
C CYS A 17 6.55 8.70 -0.11
N LYS A 18 7.16 9.33 -1.11
CA LYS A 18 6.93 8.92 -2.50
C LYS A 18 7.18 7.40 -2.62
N PRO A 19 6.21 6.66 -3.16
CA PRO A 19 6.43 5.22 -3.27
C PRO A 19 7.60 4.88 -4.19
N SER A 20 8.29 3.76 -3.93
CA SER A 20 9.45 3.39 -4.74
C SER A 20 9.08 3.16 -6.22
N CYS A 21 7.87 2.66 -6.47
CA CYS A 21 7.44 2.34 -7.83
C CYS A 21 6.84 3.54 -8.58
N ALA A 22 6.88 4.70 -7.91
CA ALA A 22 6.52 5.97 -8.52
C ALA A 22 7.63 6.62 -9.35
N TRP A 23 8.80 5.97 -9.40
CA TRP A 23 9.94 6.48 -10.20
C TRP A 23 10.01 5.76 -11.53
N PRO A 24 10.49 6.48 -12.57
CA PRO A 24 10.74 5.84 -13.86
C PRO A 24 11.80 4.74 -13.82
N GLY A 25 11.68 3.77 -14.69
CA GLY A 25 12.72 2.77 -14.89
C GLY A 25 12.81 1.64 -13.88
N LYS A 26 11.82 1.51 -13.01
CA LYS A 26 11.87 0.47 -11.98
C LYS A 26 11.41 -0.90 -12.55
N ALA A 27 10.48 -0.88 -13.50
CA ALA A 27 9.89 -2.11 -14.02
C ALA A 27 9.28 -1.82 -15.39
N ALA A 28 8.91 -2.89 -16.10
CA ALA A 28 8.23 -2.79 -17.38
C ALA A 28 6.73 -2.60 -17.12
N VAL A 29 6.35 -1.32 -17.09
CA VAL A 29 5.01 -0.89 -16.70
C VAL A 29 4.49 0.15 -17.70
N SER A 30 3.18 0.35 -17.72
CA SER A 30 2.57 1.36 -18.58
C SER A 30 3.07 2.76 -18.24
N GLN A 31 3.18 3.03 -16.94
CA GLN A 31 3.72 4.28 -16.39
C GLN A 31 3.97 4.00 -14.92
N PRO A 32 4.85 4.77 -14.29
CA PRO A 32 5.05 4.56 -12.84
C PRO A 32 3.81 4.93 -12.06
N VAL A 33 3.83 4.60 -10.77
CA VAL A 33 2.78 5.01 -9.85
C VAL A 33 2.73 6.54 -9.74
N TYR A 34 1.54 7.13 -9.67
CA TYR A 34 1.41 8.56 -9.40
C TYR A 34 1.91 8.90 -8.01
N ALA A 35 2.64 10.02 -7.91
CA ALA A 35 2.86 10.71 -6.65
C ALA A 35 2.11 12.01 -6.60
N CYS A 36 2.02 12.55 -5.41
CA CYS A 36 1.20 13.73 -5.11
C CYS A 36 2.01 14.82 -4.41
N ASP A 37 1.56 16.05 -4.52
CA ASP A 37 2.10 17.13 -3.72
C ASP A 37 1.64 17.06 -2.28
N ALA A 38 2.09 18.01 -1.46
CA ALA A 38 1.78 17.95 -0.06
C ALA A 38 0.27 18.08 0.24
N ASN A 39 -0.46 18.69 -0.67
CA ASN A 39 -1.93 18.83 -0.59
C ASN A 39 -2.67 17.62 -1.13
N PHE A 40 -1.93 16.57 -1.51
CA PHE A 40 -2.50 15.30 -2.01
C PHE A 40 -2.99 15.39 -3.47
N GLN A 41 -2.66 16.47 -4.16
CA GLN A 41 -2.97 16.61 -5.58
C GLN A 41 -1.92 15.86 -6.41
N ARG A 42 -2.38 15.13 -7.43
CA ARG A 42 -1.52 14.36 -8.30
C ARG A 42 -0.50 15.23 -9.04
N LEU A 43 0.74 14.77 -9.06
CA LEU A 43 1.82 15.35 -9.87
C LEU A 43 1.77 14.67 -11.25
N SER A 44 1.98 15.45 -12.31
CA SER A 44 2.04 14.86 -13.65
C SER A 44 3.46 14.33 -13.96
N ASP A 45 4.47 14.87 -13.28
CA ASP A 45 5.89 14.54 -13.46
C ASP A 45 6.18 13.32 -12.54
N PHE A 46 6.87 12.31 -13.07
CA PHE A 46 7.28 11.16 -12.26
C PHE A 46 8.66 11.27 -11.64
N ASN A 47 9.38 12.35 -11.91
CA ASN A 47 10.73 12.51 -11.40
C ASN A 47 10.89 13.49 -10.27
N VAL A 48 9.80 13.88 -9.62
CA VAL A 48 9.87 14.87 -8.55
C VAL A 48 10.51 14.21 -7.31
N GLN A 49 11.44 14.91 -6.66
CA GLN A 49 12.12 14.40 -5.49
C GLN A 49 11.12 14.06 -4.36
N SER A 50 11.40 12.97 -3.66
CA SER A 50 10.58 12.53 -2.55
C SER A 50 10.67 13.45 -1.38
N GLY A 51 9.54 13.68 -0.72
CA GLY A 51 9.52 14.44 0.51
C GLY A 51 10.32 13.82 1.64
N CYS A 52 10.58 12.51 1.57
CA CYS A 52 11.43 11.82 2.56
C CYS A 52 12.93 12.09 2.35
N ASN A 53 13.28 12.67 1.22
CA ASN A 53 14.68 13.08 0.92
C ASN A 53 14.76 14.57 0.65
N GLY A 54 13.94 15.35 1.33
CA GLY A 54 14.01 16.79 1.21
C GLY A 54 13.29 17.39 0.01
N GLY A 55 12.47 16.59 -0.69
CA GLY A 55 11.72 17.06 -1.85
C GLY A 55 10.24 17.36 -1.59
N SER A 56 9.45 17.31 -2.66
CA SER A 56 8.07 17.81 -2.64
C SER A 56 7.02 16.77 -3.09
N ALA A 57 7.43 15.51 -3.29
CA ALA A 57 6.53 14.44 -3.74
C ALA A 57 6.27 13.44 -2.62
N TYR A 58 4.99 13.06 -2.49
CA TYR A 58 4.49 12.25 -1.38
C TYR A 58 3.54 11.17 -1.89
N SER A 59 3.19 10.23 -1.01
CA SER A 59 2.14 9.27 -1.32
C SER A 59 0.77 9.92 -1.42
N CYS A 60 0.01 9.53 -2.44
CA CYS A 60 -1.34 10.02 -2.69
C CYS A 60 -2.35 9.43 -1.73
N ALA A 61 -3.28 10.27 -1.29
CA ALA A 61 -4.37 9.83 -0.44
C ALA A 61 -5.37 8.91 -1.13
N ASP A 62 -5.44 8.96 -2.44
CA ASP A 62 -6.33 8.05 -3.18
C ASP A 62 -5.71 6.65 -3.38
N GLN A 63 -4.46 6.46 -2.93
CA GLN A 63 -3.83 5.14 -2.88
C GLN A 63 -3.92 4.60 -1.46
N THR A 64 -5.17 4.53 -1.01
CA THR A 64 -5.52 4.06 0.33
C THR A 64 -6.52 2.95 0.19
N PRO A 65 -6.71 2.13 1.24
CA PRO A 65 -7.51 0.92 1.09
C PRO A 65 -9.00 1.23 1.16
N TRP A 66 -9.80 0.32 0.63
CA TRP A 66 -11.23 0.41 0.77
C TRP A 66 -11.88 -0.95 0.71
N ALA A 67 -13.09 -1.01 1.28
CA ALA A 67 -13.91 -2.20 1.24
C ALA A 67 -14.60 -2.32 -0.08
N VAL A 68 -14.44 -3.45 -0.74
CA VAL A 68 -15.11 -3.74 -1.99
C VAL A 68 -16.43 -4.43 -1.69
N ASN A 69 -16.42 -5.34 -0.74
CA ASN A 69 -17.67 -5.96 -0.24
C ASN A 69 -17.42 -6.43 1.18
N ASP A 70 -18.33 -7.19 1.77
CA ASP A 70 -18.18 -7.60 3.14
C ASP A 70 -16.90 -8.39 3.41
N ASN A 71 -16.45 -9.13 2.41
CA ASN A 71 -15.34 -10.06 2.59
C ASN A 71 -14.07 -9.72 1.82
N LEU A 72 -14.07 -8.60 1.10
CA LEU A 72 -13.03 -8.26 0.14
C LEU A 72 -12.67 -6.80 0.28
N ALA A 73 -11.36 -6.49 0.28
CA ALA A 73 -10.87 -5.11 0.25
C ALA A 73 -9.81 -5.02 -0.83
N TYR A 74 -9.61 -3.81 -1.33
CA TYR A 74 -8.50 -3.48 -2.25
C TYR A 74 -7.62 -2.43 -1.61
N GLY A 75 -6.34 -2.45 -1.96
CA GLY A 75 -5.42 -1.42 -1.52
C GLY A 75 -4.03 -1.58 -2.06
N PHE A 76 -3.09 -1.01 -1.31
CA PHE A 76 -1.71 -0.80 -1.75
C PHE A 76 -0.78 -1.22 -0.63
N ALA A 77 0.42 -1.67 -1.00
CA ALA A 77 1.39 -2.17 -0.04
C ALA A 77 2.81 -1.93 -0.48
N ALA A 78 3.70 -2.01 0.52
CA ALA A 78 5.13 -2.15 0.28
C ALA A 78 5.50 -3.60 0.42
N THR A 79 6.43 -4.04 -0.41
CA THR A 79 6.97 -5.41 -0.34
C THR A 79 8.51 -5.37 -0.31
N SER A 80 9.11 -6.54 -0.09
CA SER A 80 10.49 -6.63 0.30
C SER A 80 11.41 -6.60 -0.89
N ILE A 81 12.64 -6.13 -0.66
CA ILE A 81 13.75 -6.39 -1.55
C ILE A 81 14.26 -7.83 -1.37
N ALA A 82 14.09 -8.37 -0.16
CA ALA A 82 14.49 -9.75 0.13
C ALA A 82 13.75 -10.79 -0.74
N GLY A 83 12.48 -10.54 -1.01
CA GLY A 83 11.64 -11.50 -1.73
C GLY A 83 11.70 -11.40 -3.25
N GLY A 84 12.43 -10.40 -3.76
CA GLY A 84 12.70 -10.27 -5.21
C GLY A 84 12.99 -8.83 -5.61
N SER A 85 13.43 -8.62 -6.85
CA SER A 85 13.78 -7.27 -7.32
C SER A 85 12.55 -6.43 -7.62
N GLU A 86 12.70 -5.11 -7.59
CA GLU A 86 11.61 -4.24 -7.98
C GLU A 86 11.10 -4.49 -9.41
N SER A 87 11.94 -4.95 -10.33
CA SER A 87 11.44 -5.28 -11.67
C SER A 87 10.38 -6.38 -11.65
N SER A 88 10.49 -7.31 -10.70
CA SER A 88 9.59 -8.44 -10.60
C SER A 88 8.29 -8.13 -9.87
N TRP A 89 8.29 -7.09 -9.02
CA TRP A 89 7.11 -6.84 -8.26
C TRP A 89 6.50 -5.46 -8.32
N CYS A 90 7.21 -4.43 -8.81
CA CYS A 90 6.55 -3.12 -8.85
C CYS A 90 5.27 -3.22 -9.65
N CYS A 91 4.18 -2.70 -9.06
CA CYS A 91 2.86 -2.67 -9.66
C CYS A 91 2.19 -4.01 -9.85
N ALA A 92 2.79 -5.08 -9.34
CA ALA A 92 2.10 -6.37 -9.31
C ALA A 92 1.03 -6.37 -8.24
N CYS A 93 0.06 -7.26 -8.38
CA CYS A 93 -1.01 -7.42 -7.42
C CYS A 93 -1.02 -8.84 -6.84
N TYR A 94 -1.49 -8.92 -5.61
CA TYR A 94 -1.45 -10.12 -4.79
C TYR A 94 -2.73 -10.19 -3.99
N ALA A 95 -3.40 -11.35 -4.08
CA ALA A 95 -4.56 -11.62 -3.26
C ALA A 95 -4.15 -12.27 -1.95
N LEU A 96 -4.33 -11.57 -0.85
CA LEU A 96 -3.97 -12.04 0.49
C LEU A 96 -5.23 -12.59 1.14
N THR A 97 -5.23 -13.87 1.47
CA THR A 97 -6.34 -14.45 2.20
C THR A 97 -5.88 -14.61 3.64
N PHE A 98 -6.47 -13.83 4.55
CA PHE A 98 -5.95 -13.75 5.90
C PHE A 98 -6.20 -15.05 6.67
N THR A 99 -5.24 -15.37 7.54
CA THR A 99 -5.27 -16.63 8.30
C THR A 99 -5.19 -16.42 9.81
N SER A 100 -5.26 -15.18 10.26
CA SER A 100 -5.30 -14.88 11.68
C SER A 100 -6.07 -13.61 11.93
N GLY A 101 -6.43 -13.39 13.20
CA GLY A 101 -7.10 -12.19 13.57
C GLY A 101 -8.57 -12.21 13.24
N PRO A 102 -9.25 -11.07 13.50
CA PRO A 102 -10.68 -11.00 13.25
C PRO A 102 -11.04 -11.03 11.77
N VAL A 103 -10.05 -10.76 10.92
CA VAL A 103 -10.23 -10.76 9.47
C VAL A 103 -9.91 -12.12 8.80
N ALA A 104 -9.65 -13.14 9.61
CA ALA A 104 -9.31 -14.45 9.07
C ALA A 104 -10.43 -14.90 8.16
N GLY A 105 -10.05 -15.34 6.97
CA GLY A 105 -10.98 -15.75 5.93
C GLY A 105 -11.35 -14.67 4.92
N LYS A 106 -11.17 -13.40 5.27
CA LYS A 106 -11.35 -12.29 4.33
C LYS A 106 -10.17 -12.23 3.38
N THR A 107 -10.37 -11.56 2.25
CA THR A 107 -9.35 -11.40 1.25
C THR A 107 -9.11 -9.92 1.01
N MET A 108 -7.85 -9.56 0.85
CA MET A 108 -7.46 -8.22 0.37
C MET A 108 -6.55 -8.33 -0.83
N VAL A 109 -6.89 -7.66 -1.93
CA VAL A 109 -5.97 -7.57 -3.06
C VAL A 109 -5.17 -6.30 -2.96
N VAL A 110 -3.86 -6.42 -2.88
CA VAL A 110 -2.96 -5.26 -2.79
C VAL A 110 -2.08 -5.17 -4.01
N GLN A 111 -1.86 -3.94 -4.46
CA GLN A 111 -0.81 -3.65 -5.43
C GLN A 111 0.45 -3.25 -4.70
N SER A 112 1.57 -3.87 -5.03
CA SER A 112 2.86 -3.45 -4.51
C SER A 112 3.30 -2.20 -5.21
N THR A 113 3.31 -1.09 -4.48
CA THR A 113 3.73 0.18 -5.07
C THR A 113 5.00 0.68 -4.47
N SER A 114 5.57 -0.04 -3.50
CA SER A 114 6.76 0.48 -2.84
C SER A 114 7.57 -0.65 -2.27
N THR A 115 8.78 -0.30 -1.80
CA THR A 115 9.71 -1.25 -1.24
C THR A 115 9.98 -0.88 0.20
N GLY A 116 10.11 -1.91 1.03
CA GLY A 116 10.70 -1.76 2.32
C GLY A 116 12.01 -2.53 2.34
N GLY A 117 13.03 -1.87 2.87
CA GLY A 117 14.34 -2.42 2.83
C GLY A 117 14.62 -3.47 3.88
N ASP A 118 13.76 -3.61 4.89
CA ASP A 118 13.97 -4.67 5.91
C ASP A 118 12.72 -5.53 6.15
N LEU A 119 11.88 -5.61 5.13
CA LEU A 119 10.71 -6.48 5.17
C LEU A 119 11.10 -7.94 4.96
N GLY A 120 10.39 -8.84 5.61
CA GLY A 120 10.52 -10.26 5.33
C GLY A 120 10.18 -10.60 3.89
N SER A 121 10.59 -11.78 3.44
CA SER A 121 10.49 -12.10 2.01
C SER A 121 9.05 -12.01 1.46
N ASN A 122 8.11 -12.54 2.23
CA ASN A 122 6.68 -12.46 1.90
C ASN A 122 5.92 -11.55 2.83
N GLN A 123 6.58 -10.54 3.33
CA GLN A 123 5.95 -9.54 4.20
C GLN A 123 5.36 -8.45 3.37
N PHE A 124 4.10 -8.11 3.64
CA PHE A 124 3.44 -7.01 2.96
C PHE A 124 3.10 -5.95 4.00
N ASP A 125 3.67 -4.75 3.82
CA ASP A 125 3.38 -3.61 4.68
C ASP A 125 2.19 -2.89 4.03
N ILE A 126 0.99 -3.11 4.56
CA ILE A 126 -0.21 -2.61 3.92
C ILE A 126 -0.36 -1.13 4.28
N ALA A 127 -0.50 -0.30 3.26
CA ALA A 127 -0.60 1.15 3.46
C ALA A 127 -1.96 1.54 4.05
N MET A 128 -1.90 2.15 5.22
CA MET A 128 -3.13 2.59 5.92
C MET A 128 -2.76 3.85 6.65
N PRO A 129 -3.36 5.00 6.32
CA PRO A 129 -3.04 6.20 7.08
C PRO A 129 -3.25 6.00 8.57
N GLY A 130 -2.27 6.38 9.39
CA GLY A 130 -2.34 6.12 10.81
C GLY A 130 -1.88 4.76 11.26
N GLY A 131 -1.35 3.97 10.35
CA GLY A 131 -0.81 2.67 10.70
C GLY A 131 0.60 2.74 11.25
N GLY A 132 1.27 3.88 11.11
CA GLY A 132 2.61 4.07 11.67
C GLY A 132 3.60 4.60 10.67
N VAL A 133 4.27 5.69 11.02
CA VAL A 133 5.22 6.34 10.12
C VAL A 133 6.54 5.59 10.03
N GLY A 134 6.85 4.76 11.02
CA GLY A 134 8.06 3.94 10.97
C GLY A 134 9.32 4.77 11.00
N ILE A 135 10.33 4.28 10.28
CA ILE A 135 11.70 4.84 10.30
C ILE A 135 11.81 6.18 9.57
N PHE A 136 11.05 6.36 8.49
CA PHE A 136 11.19 7.56 7.66
C PHE A 136 9.94 8.40 7.80
N ASN A 137 10.04 9.52 8.49
CA ASN A 137 8.85 10.31 8.77
C ASN A 137 8.68 11.39 7.70
N GLY A 138 8.22 10.99 6.51
CA GLY A 138 7.90 11.93 5.47
C GLY A 138 6.73 12.78 5.85
N CYS A 139 5.88 12.27 6.77
CA CYS A 139 4.71 13.03 7.11
C CYS A 139 5.05 14.31 7.87
N SER A 140 6.19 14.32 8.56
CA SER A 140 6.64 15.51 9.26
C SER A 140 6.85 16.63 8.26
N SER A 141 7.50 16.33 7.15
CA SER A 141 7.70 17.33 6.14
C SER A 141 6.46 17.63 5.29
N GLN A 142 5.55 16.69 5.11
CA GLN A 142 4.37 16.93 4.31
C GLN A 142 3.40 17.87 5.02
N PHE A 143 3.08 17.57 6.27
CA PHE A 143 2.06 18.34 6.98
C PHE A 143 2.27 18.33 8.49
N GLY A 144 3.50 18.12 8.92
CA GLY A 144 3.83 18.25 10.35
C GLY A 144 3.59 17.00 11.16
N GLY A 145 3.33 15.87 10.52
CA GLY A 145 3.28 14.59 11.25
C GLY A 145 1.90 14.03 11.46
N LEU A 146 1.86 12.73 11.78
CA LEU A 146 0.61 12.07 12.18
C LEU A 146 0.74 11.68 13.64
N PRO A 147 -0.40 11.67 14.35
CA PRO A 147 -0.39 11.13 15.68
C PRO A 147 -0.25 9.64 15.63
N GLY A 148 0.00 9.08 16.78
CA GLY A 148 0.07 7.64 16.91
C GLY A 148 1.48 7.24 17.18
N ALA A 149 1.62 6.01 17.64
CA ALA A 149 2.95 5.42 17.78
C ALA A 149 3.69 5.34 16.46
N GLN A 150 5.00 5.58 16.45
CA GLN A 150 5.83 5.42 15.29
C GLN A 150 5.57 4.08 14.60
N TYR A 151 5.49 3.01 15.39
CA TYR A 151 5.17 1.68 14.89
C TYR A 151 3.79 1.25 15.38
N GLY A 152 2.88 1.06 14.43
CA GLY A 152 1.54 0.65 14.78
C GLY A 152 0.54 1.77 14.72
N GLY A 153 1.00 3.01 14.87
CA GLY A 153 0.13 4.15 14.66
C GLY A 153 -0.92 4.40 15.72
N ILE A 154 -2.04 4.95 15.32
CA ILE A 154 -3.08 5.42 16.25
C ILE A 154 -3.79 4.24 16.90
N SER A 155 -4.49 4.52 17.98
CA SER A 155 -5.15 3.45 18.77
C SER A 155 -6.68 3.48 18.77
N SER A 156 -7.33 4.48 18.16
CA SER A 156 -8.78 4.52 18.12
C SER A 156 -9.25 5.16 16.81
N ARG A 157 -10.36 4.67 16.29
CA ARG A 157 -10.97 5.24 15.09
C ARG A 157 -11.22 6.71 15.21
N ASP A 158 -11.54 7.16 16.40
CA ASP A 158 -11.90 8.59 16.53
C ASP A 158 -10.73 9.50 16.26
N GLN A 159 -9.50 9.00 16.34
CA GLN A 159 -8.35 9.83 15.98
C GLN A 159 -8.24 10.14 14.49
N CYS A 160 -8.92 9.37 13.65
CA CYS A 160 -8.96 9.64 12.22
C CYS A 160 -9.61 10.97 11.95
N ASP A 161 -10.46 11.42 12.85
CA ASP A 161 -11.21 12.67 12.64
C ASP A 161 -10.28 13.86 12.75
N SER A 162 -9.12 13.67 13.37
CA SER A 162 -8.11 14.72 13.55
C SER A 162 -7.06 14.79 12.40
N PHE A 163 -7.12 13.84 11.47
CA PHE A 163 -6.09 13.72 10.43
C PHE A 163 -6.30 14.79 9.37
N PRO A 164 -5.23 15.09 8.60
CA PRO A 164 -5.43 15.72 7.32
C PRO A 164 -6.55 15.02 6.56
N ALA A 165 -7.58 15.74 6.12
CA ALA A 165 -8.87 15.12 5.88
C ALA A 165 -8.84 14.07 4.75
N PRO A 166 -8.02 14.25 3.69
CA PRO A 166 -8.02 13.20 2.68
C PRO A 166 -7.53 11.85 3.16
N LEU A 167 -6.83 11.82 4.31
CA LEU A 167 -6.36 10.56 4.88
C LEU A 167 -7.40 9.88 5.78
N LYS A 168 -8.51 10.56 6.06
CA LYS A 168 -9.51 10.01 6.97
C LYS A 168 -10.15 8.70 6.46
N PRO A 169 -10.55 8.63 5.18
CA PRO A 169 -11.20 7.37 4.78
C PRO A 169 -10.34 6.11 4.91
N GLY A 170 -9.08 6.21 4.54
CA GLY A 170 -8.20 5.05 4.67
C GLY A 170 -7.91 4.73 6.12
N CYS A 171 -7.79 5.78 6.95
CA CYS A 171 -7.61 5.59 8.38
C CYS A 171 -8.81 4.84 8.98
N GLN A 172 -10.02 5.22 8.60
CA GLN A 172 -11.22 4.57 9.14
C GLN A 172 -11.33 3.15 8.70
N TRP A 173 -10.92 2.84 7.47
CA TRP A 173 -10.97 1.47 6.96
C TRP A 173 -10.25 0.51 7.90
N ARG A 174 -9.13 0.95 8.47
CA ARG A 174 -8.35 0.10 9.39
C ARG A 174 -9.23 -0.42 10.55
N PHE A 175 -10.12 0.44 11.03
CA PHE A 175 -10.97 0.08 12.17
C PHE A 175 -12.29 -0.57 11.77
N ASP A 176 -12.75 -0.29 10.57
CA ASP A 176 -14.06 -0.73 10.11
C ASP A 176 -13.84 -2.10 9.41
N TRP A 177 -13.64 -2.12 8.10
CA TRP A 177 -13.48 -3.41 7.40
C TRP A 177 -12.35 -4.25 7.99
N PHE A 178 -11.22 -3.64 8.33
CA PHE A 178 -10.09 -4.40 8.80
C PHE A 178 -10.14 -4.78 10.29
N GLN A 179 -11.11 -4.21 11.03
CA GLN A 179 -11.41 -4.61 12.42
C GLN A 179 -10.20 -4.43 13.33
N ASN A 180 -9.36 -3.48 13.00
CA ASN A 180 -8.12 -3.19 13.70
C ASN A 180 -7.25 -4.43 13.89
N ALA A 181 -7.26 -5.30 12.89
CA ALA A 181 -6.48 -6.52 12.98
C ALA A 181 -4.98 -6.22 13.21
N ASP A 182 -4.35 -6.96 14.08
CA ASP A 182 -2.96 -6.68 14.42
C ASP A 182 -2.01 -7.61 13.65
N ASN A 183 -1.46 -7.07 12.57
CA ASN A 183 -0.47 -7.76 11.75
C ASN A 183 -0.88 -9.20 11.41
N PRO A 184 -2.03 -9.37 10.75
CA PRO A 184 -2.47 -10.73 10.49
C PRO A 184 -1.60 -11.44 9.46
N THR A 185 -1.50 -12.75 9.62
CA THR A 185 -0.88 -13.62 8.63
C THR A 185 -1.83 -13.91 7.46
N PHE A 186 -1.30 -14.46 6.38
CA PHE A 186 -2.10 -14.75 5.19
C PHE A 186 -1.44 -15.88 4.39
N THR A 187 -2.22 -16.41 3.48
CA THR A 187 -1.67 -17.06 2.27
C THR A 187 -1.94 -16.17 1.07
N PHE A 188 -1.17 -16.28 0.01
CA PHE A 188 -1.30 -15.36 -1.09
C PHE A 188 -1.06 -16.00 -2.44
N GLN A 189 -1.66 -15.38 -3.45
CA GLN A 189 -1.50 -15.75 -4.85
C GLN A 189 -1.34 -14.46 -5.64
N GLN A 190 -0.43 -14.42 -6.59
CA GLN A 190 -0.32 -13.28 -7.49
C GLN A 190 -1.50 -13.28 -8.44
N VAL A 191 -2.11 -12.11 -8.67
CA VAL A 191 -3.28 -11.97 -9.54
C VAL A 191 -3.12 -10.75 -10.44
N GLN A 192 -3.86 -10.74 -11.52
CA GLN A 192 -3.93 -9.58 -12.38
C GLN A 192 -4.56 -8.42 -11.62
N CYS A 193 -3.96 -7.25 -11.72
CA CYS A 193 -4.47 -6.14 -10.92
C CYS A 193 -5.90 -5.74 -11.32
N PRO A 194 -6.78 -5.62 -10.32
CA PRO A 194 -8.11 -5.05 -10.60
C PRO A 194 -8.04 -3.66 -11.22
N ALA A 195 -8.91 -3.43 -12.20
CA ALA A 195 -8.99 -2.15 -12.86
C ALA A 195 -9.15 -1.01 -11.85
N GLU A 196 -9.88 -1.20 -10.78
CA GLU A 196 -10.13 -0.11 -9.83
C GLU A 196 -8.85 0.28 -9.07
N ILE A 197 -7.94 -0.67 -8.91
CA ILE A 197 -6.65 -0.38 -8.27
C ILE A 197 -5.74 0.40 -9.23
N VAL A 198 -5.62 -0.04 -10.48
CA VAL A 198 -4.87 0.67 -11.51
C VAL A 198 -5.45 2.05 -11.79
N ALA A 199 -6.75 2.25 -11.61
CA ALA A 199 -7.34 3.55 -11.82
C ALA A 199 -6.81 4.55 -10.81
N ARG A 200 -6.30 4.09 -9.66
CA ARG A 200 -5.80 4.99 -8.64
C ARG A 200 -4.30 5.16 -8.70
N SER A 201 -3.54 4.09 -8.89
CA SER A 201 -2.07 4.21 -8.97
C SER A 201 -1.61 4.67 -10.34
N GLY A 202 -2.37 4.33 -11.37
CA GLY A 202 -1.98 4.55 -12.76
C GLY A 202 -1.04 3.51 -13.35
N CYS A 203 -0.54 2.57 -12.57
CA CYS A 203 0.59 1.71 -12.97
C CYS A 203 0.18 0.28 -13.22
N LYS A 204 0.31 -0.18 -14.45
CA LYS A 204 -0.04 -1.54 -14.82
C LYS A 204 1.19 -2.22 -15.39
N ARG A 205 1.52 -3.42 -14.93
CA ARG A 205 2.64 -4.15 -15.49
C ARG A 205 2.36 -4.66 -16.89
N ASN A 206 3.40 -4.64 -17.69
CA ASN A 206 3.30 -5.18 -19.06
C ASN A 206 2.96 -6.67 -19.07
N ASP A 207 3.34 -7.40 -18.04
CA ASP A 207 3.08 -8.85 -17.94
C ASP A 207 1.78 -9.16 -17.17
N ASP A 208 0.95 -8.17 -16.88
CA ASP A 208 -0.16 -8.43 -15.97
C ASP A 208 -1.21 -9.44 -16.45
N SER A 209 -1.38 -9.60 -17.76
CA SER A 209 -2.35 -10.60 -18.27
C SER A 209 -1.95 -12.05 -17.97
N SER A 210 -0.70 -12.24 -17.61
CA SER A 210 -0.17 -13.55 -17.27
C SER A 210 -0.66 -14.08 -15.93
N PHE A 211 -1.36 -13.23 -15.17
CA PHE A 211 -1.78 -13.61 -13.85
C PHE A 211 -3.31 -13.75 -13.80
N PRO A 212 -3.81 -14.57 -12.89
CA PRO A 212 -5.25 -14.84 -12.81
C PRO A 212 -6.12 -13.61 -12.71
N VAL A 213 -7.25 -13.65 -13.42
CA VAL A 213 -8.29 -12.66 -13.29
C VAL A 213 -8.96 -12.84 -11.95
N PHE A 214 -9.08 -11.74 -11.21
CA PHE A 214 -9.63 -11.78 -9.88
C PHE A 214 -11.13 -11.47 -9.83
N THR A 215 -11.89 -12.35 -9.21
CA THR A 215 -13.30 -12.09 -8.90
C THR A 215 -13.57 -12.39 -7.43
N PRO A 216 -14.74 -11.95 -6.90
CA PRO A 216 -14.95 -12.13 -5.47
C PRO A 216 -14.88 -13.59 -5.02
N SER A 217 -14.09 -13.88 -4.00
CA SER A 217 -13.77 -15.26 -3.62
C SER A 217 -14.72 -15.86 -2.58
#